data_3DXE
#
_entry.id   3DXE
#
_cell.length_a   115.377
_cell.length_b   115.377
_cell.length_c   75.523
_cell.angle_alpha   90.000
_cell.angle_beta   90.000
_cell.angle_gamma   120.000
#
_symmetry.space_group_name_H-M   'P 61'
#
loop_
_entity.id
_entity.type
_entity.pdbx_description
1 polymer 'Amyloid beta A4 protein-binding family B member 1'
2 polymer 'Amyloid beta A4 protein'
3 water water
#
loop_
_entity_poly.entity_id
_entity_poly.type
_entity_poly.pdbx_seq_one_letter_code
_entity_poly.pdbx_strand_id
1 'polypeptide(L)'
;APKNELVQKFQVYYLGNVPVAKPVGVDVINGALESVLSSSSREQWTPSHVSVAPATLTILHQQTEAVLGECRVRFLSFLA
VGRDVHTFAFIMAAGPASFCCHMFWCEPNAASLSEAVQAACMLRYQKCLDARSQHHHHHH
;
A,C
2 'polypeptide(L)' GAMDAAVAPEERHLSKMQQNGYENPTYKFFEQMQN B,D
#
# COMPACT_ATOMS: atom_id res chain seq x y z
N PHE A 10 23.96 3.57 -3.91
CA PHE A 10 23.83 3.79 -2.44
C PHE A 10 23.67 2.49 -1.64
N GLN A 11 22.42 2.20 -1.21
CA GLN A 11 22.17 1.19 -0.18
C GLN A 11 20.80 0.48 -0.22
N VAL A 12 20.84 -0.85 -0.09
CA VAL A 12 19.67 -1.71 -0.05
C VAL A 12 19.56 -2.24 1.38
N TYR A 13 18.33 -2.39 1.86
CA TYR A 13 18.01 -3.01 3.16
C TYR A 13 17.04 -4.16 2.89
N TYR A 14 17.33 -5.33 3.43
CA TYR A 14 16.38 -6.43 3.40
C TYR A 14 15.35 -6.23 4.52
N LEU A 15 14.07 -6.21 4.17
CA LEU A 15 13.01 -6.00 5.19
C LEU A 15 12.52 -7.35 5.72
N GLY A 16 12.91 -8.44 5.06
CA GLY A 16 12.43 -9.78 5.39
C GLY A 16 11.40 -10.31 4.38
N ASN A 17 10.72 -11.37 4.78
CA ASN A 17 9.80 -12.03 3.90
C ASN A 17 8.53 -12.40 4.68
N VAL A 18 7.41 -12.54 3.97
CA VAL A 18 6.12 -12.90 4.59
C VAL A 18 5.37 -13.84 3.63
N PRO A 19 4.52 -14.72 4.17
CA PRO A 19 3.68 -15.48 3.25
C PRO A 19 2.68 -14.58 2.55
N VAL A 20 2.36 -14.88 1.30
CA VAL A 20 1.28 -14.20 0.61
C VAL A 20 0.36 -15.23 -0.03
N ALA A 21 -0.84 -14.81 -0.37
CA ALA A 21 -1.90 -15.72 -0.83
C ALA A 21 -1.91 -16.03 -2.30
N LYS A 22 -1.26 -15.18 -3.14
CA LYS A 22 -1.32 -15.29 -4.57
C LYS A 22 0.12 -15.13 -5.16
N PRO A 23 0.39 -15.70 -6.34
CA PRO A 23 1.72 -15.56 -6.97
C PRO A 23 2.01 -14.19 -7.64
N VAL A 24 0.97 -13.41 -7.92
CA VAL A 24 1.12 -12.17 -8.73
C VAL A 24 0.27 -11.04 -8.16
N GLY A 25 0.62 -9.79 -8.50
CA GLY A 25 -0.24 -8.66 -8.15
C GLY A 25 0.43 -7.53 -7.39
N VAL A 26 0.31 -6.33 -7.92
CA VAL A 26 0.81 -5.14 -7.20
C VAL A 26 0.07 -4.94 -5.88
N ASP A 27 -1.21 -5.33 -5.84
CA ASP A 27 -1.98 -5.29 -4.60
C ASP A 27 -1.39 -6.19 -3.54
N VAL A 28 -0.90 -7.36 -3.97
CA VAL A 28 -0.36 -8.34 -3.03
C VAL A 28 0.97 -7.82 -2.44
N ILE A 29 1.83 -7.28 -3.29
CA ILE A 29 3.12 -6.85 -2.79
C ILE A 29 2.96 -5.56 -1.93
N ASN A 30 1.99 -4.70 -2.25
CA ASN A 30 1.81 -3.46 -1.45
C ASN A 30 1.24 -3.80 -0.10
N GLY A 31 0.37 -4.82 -0.08
CA GLY A 31 -0.12 -5.37 1.20
C GLY A 31 0.97 -5.90 2.08
N ALA A 32 1.85 -6.71 1.49
CA ALA A 32 3.03 -7.23 2.20
C ALA A 32 3.96 -6.10 2.74
N LEU A 33 4.23 -5.10 1.89
CA LEU A 33 5.11 -3.98 2.29
C LEU A 33 4.52 -3.15 3.44
N GLU A 34 3.24 -2.80 3.34
CA GLU A 34 2.55 -2.16 4.48
C GLU A 34 2.66 -2.98 5.80
N SER A 35 2.42 -4.31 5.79
CA SER A 35 2.55 -5.11 7.05
C SER A 35 3.92 -5.01 7.63
N VAL A 36 4.93 -5.29 6.80
CA VAL A 36 6.30 -5.28 7.28
C VAL A 36 6.74 -3.88 7.71
N LEU A 37 6.40 -2.85 6.95
CA LEU A 37 6.70 -1.46 7.35
C LEU A 37 6.07 -1.07 8.71
N SER A 38 4.83 -1.51 8.95
CA SER A 38 4.14 -1.23 10.25
C SER A 38 4.80 -1.83 11.47
N SER A 39 5.48 -2.97 11.31
CA SER A 39 5.96 -3.73 12.46
C SER A 39 7.46 -3.70 12.66
N SER A 40 8.13 -2.78 11.99
CA SER A 40 9.57 -2.65 12.16
C SER A 40 9.90 -1.17 12.17
N SER A 41 11.07 -0.82 12.71
CA SER A 41 11.57 0.56 12.61
C SER A 41 12.83 0.54 11.75
N ARG A 42 13.22 1.67 11.19
CA ARG A 42 14.38 1.70 10.28
C ARG A 42 15.67 1.13 10.91
N GLU A 43 15.80 1.24 12.24
CA GLU A 43 16.99 0.74 12.98
C GLU A 43 17.16 -0.76 12.84
N GLN A 44 16.04 -1.45 12.63
CA GLN A 44 15.98 -2.90 12.49
C GLN A 44 16.28 -3.43 11.09
N TRP A 45 16.22 -2.56 10.07
CA TRP A 45 16.40 -2.98 8.68
C TRP A 45 17.85 -3.42 8.47
N THR A 46 18.02 -4.57 7.83
CA THR A 46 19.30 -5.24 7.58
C THR A 46 19.98 -4.71 6.31
N PRO A 47 21.08 -3.96 6.47
CA PRO A 47 21.83 -3.52 5.27
C PRO A 47 22.29 -4.73 4.48
N SER A 48 22.14 -4.68 3.17
CA SER A 48 22.50 -5.80 2.36
C SER A 48 22.68 -5.45 0.89
N HIS A 49 23.06 -6.44 0.10
CA HIS A 49 23.06 -6.29 -1.33
C HIS A 49 22.66 -7.63 -1.98
N VAL A 50 22.19 -7.54 -3.22
CA VAL A 50 21.67 -8.68 -3.92
C VAL A 50 22.62 -9.02 -5.07
N SER A 51 23.10 -10.25 -5.04
CA SER A 51 23.82 -10.82 -6.13
C SER A 51 22.83 -11.43 -7.11
N VAL A 52 22.75 -10.82 -8.29
CA VAL A 52 21.73 -11.17 -9.27
C VAL A 52 22.34 -11.98 -10.40
N ALA A 53 21.82 -13.19 -10.62
CA ALA A 53 22.17 -13.98 -11.80
C ALA A 53 20.93 -14.56 -12.44
N PRO A 54 20.98 -14.87 -13.77
CA PRO A 54 19.80 -15.53 -14.38
C PRO A 54 19.31 -16.80 -13.64
N ALA A 55 20.20 -17.56 -13.00
CA ALA A 55 19.77 -18.73 -12.20
C ALA A 55 19.15 -18.41 -10.83
N THR A 56 19.81 -17.54 -10.09
CA THR A 56 19.52 -17.27 -8.67
C THR A 56 19.71 -15.83 -8.27
N LEU A 57 18.96 -15.44 -7.25
CA LEU A 57 19.25 -14.19 -6.54
C LEU A 57 19.79 -14.58 -5.17
N THR A 58 20.93 -14.04 -4.79
CA THR A 58 21.41 -14.25 -3.43
C THR A 58 21.43 -12.98 -2.64
N ILE A 59 20.67 -13.00 -1.54
CA ILE A 59 20.66 -11.87 -0.61
C ILE A 59 21.79 -12.06 0.44
N LEU A 60 22.66 -11.07 0.53
CA LEU A 60 23.89 -11.14 1.31
C LEU A 60 23.94 -9.98 2.30
N HIS A 61 24.24 -10.29 3.56
CA HIS A 61 24.51 -9.25 4.54
C HIS A 61 25.66 -8.33 4.12
N GLN A 62 25.49 -7.04 4.34
CA GLN A 62 26.41 -6.00 3.89
C GLN A 62 27.92 -6.30 4.01
N GLN A 63 28.42 -6.46 5.24
CA GLN A 63 29.90 -6.54 5.43
C GLN A 63 30.39 -8.00 5.45
N THR A 64 29.67 -8.80 6.21
CA THR A 64 30.01 -10.19 6.48
C THR A 64 29.76 -11.09 5.29
N GLU A 65 28.89 -10.64 4.36
CA GLU A 65 28.47 -11.45 3.21
C GLU A 65 27.76 -12.75 3.58
N ALA A 66 27.19 -12.81 4.78
CA ALA A 66 26.38 -13.97 5.17
C ALA A 66 25.11 -14.11 4.27
N VAL A 67 24.76 -15.33 3.90
CA VAL A 67 23.62 -15.57 3.01
C VAL A 67 22.33 -15.46 3.83
N LEU A 68 21.47 -14.51 3.42
CA LEU A 68 20.21 -14.27 4.08
C LEU A 68 19.06 -14.96 3.33
N GLY A 69 19.26 -15.24 2.04
CA GLY A 69 18.36 -16.08 1.29
C GLY A 69 18.99 -16.34 -0.05
N GLU A 70 18.53 -17.39 -0.72
CA GLU A 70 18.89 -17.61 -2.09
C GLU A 70 17.64 -18.09 -2.77
N CYS A 71 17.32 -17.48 -3.90
CA CYS A 71 16.06 -17.75 -4.56
C CYS A 71 16.34 -18.11 -6.01
N ARG A 72 15.78 -19.21 -6.49
CA ARG A 72 15.91 -19.57 -7.90
C ARG A 72 14.89 -18.74 -8.78
N VAL A 73 15.44 -18.12 -9.82
CA VAL A 73 14.70 -17.21 -10.75
C VAL A 73 13.54 -17.93 -11.45
N ARG A 74 13.72 -19.22 -11.76
CA ARG A 74 12.58 -19.95 -12.28
C ARG A 74 11.31 -20.08 -11.44
N PHE A 75 11.41 -19.98 -10.11
CA PHE A 75 10.24 -19.99 -9.21
C PHE A 75 9.87 -18.62 -8.67
N LEU A 76 10.50 -17.59 -9.21
CA LEU A 76 10.03 -16.20 -8.93
C LEU A 76 8.77 -15.96 -9.81
N SER A 77 7.61 -15.72 -9.23
CA SER A 77 6.45 -15.55 -10.06
C SER A 77 6.23 -14.08 -10.49
N PHE A 78 6.61 -13.14 -9.63
CA PHE A 78 6.22 -11.71 -9.82
C PHE A 78 7.18 -10.80 -9.12
N LEU A 79 7.36 -9.57 -9.63
CA LEU A 79 8.10 -8.54 -8.91
C LEU A 79 7.53 -7.15 -9.23
N ALA A 80 7.81 -6.18 -8.36
CA ALA A 80 7.28 -4.83 -8.53
C ALA A 80 8.03 -3.86 -7.61
N VAL A 81 7.95 -2.58 -7.99
CA VAL A 81 8.26 -1.46 -7.10
C VAL A 81 6.95 -1.08 -6.39
N GLY A 82 7.00 -0.87 -5.08
CA GLY A 82 5.85 -0.42 -4.28
C GLY A 82 5.37 1.01 -4.62
N ARG A 83 4.26 1.41 -4.03
CA ARG A 83 3.73 2.76 -4.30
C ARG A 83 4.70 3.80 -3.78
N ASP A 84 5.41 3.48 -2.71
CA ASP A 84 6.63 4.24 -2.36
C ASP A 84 7.81 3.68 -3.15
N VAL A 85 8.34 4.58 -3.97
CA VAL A 85 9.44 4.32 -4.89
C VAL A 85 10.74 3.71 -4.28
N HIS A 86 10.89 3.74 -2.97
CA HIS A 86 12.06 3.10 -2.35
C HIS A 86 11.87 1.58 -2.24
N THR A 87 10.61 1.15 -2.33
CA THR A 87 10.29 -0.25 -2.02
C THR A 87 10.43 -1.17 -3.22
N PHE A 88 10.99 -2.36 -2.99
CA PHE A 88 11.01 -3.40 -4.02
C PHE A 88 10.54 -4.69 -3.38
N ALA A 89 9.80 -5.49 -4.13
CA ALA A 89 9.40 -6.83 -3.63
C ALA A 89 9.30 -7.81 -4.76
N PHE A 90 9.64 -9.07 -4.46
CA PHE A 90 9.34 -10.16 -5.35
C PHE A 90 8.65 -11.33 -4.62
N ILE A 91 7.78 -12.01 -5.35
CA ILE A 91 7.04 -13.18 -4.86
C ILE A 91 7.70 -14.45 -5.40
N MET A 92 7.92 -15.41 -4.49
CA MET A 92 8.50 -16.71 -4.81
C MET A 92 7.42 -17.76 -4.67
N ALA A 93 7.38 -18.70 -5.62
CA ALA A 93 6.58 -19.89 -5.47
C ALA A 93 7.45 -20.85 -4.66
N ALA A 94 7.20 -20.88 -3.36
CA ALA A 94 8.02 -21.67 -2.43
C ALA A 94 7.62 -23.14 -2.59
N GLY A 95 6.39 -23.34 -3.01
CA GLY A 95 5.86 -24.64 -3.36
C GLY A 95 4.68 -24.45 -4.32
N PRO A 96 4.12 -25.55 -4.80
CA PRO A 96 3.02 -25.49 -5.77
C PRO A 96 1.91 -24.51 -5.38
N ALA A 97 1.55 -24.48 -4.12
CA ALA A 97 0.44 -23.63 -3.69
C ALA A 97 0.90 -22.76 -2.54
N SER A 98 2.19 -22.39 -2.56
CA SER A 98 2.77 -21.71 -1.43
C SER A 98 3.67 -20.58 -1.90
N PHE A 99 3.37 -19.36 -1.42
CA PHE A 99 3.96 -18.11 -1.96
C PHE A 99 4.55 -17.25 -0.86
N CYS A 100 5.75 -16.72 -1.09
CA CYS A 100 6.49 -15.97 -0.08
C CYS A 100 7.00 -14.67 -0.72
N CYS A 101 6.79 -13.53 -0.07
CA CYS A 101 7.16 -12.21 -0.61
C CYS A 101 8.38 -11.68 0.15
N HIS A 102 9.45 -11.36 -0.61
CA HIS A 102 10.73 -10.82 -0.13
C HIS A 102 10.81 -9.32 -0.44
N MET A 103 11.15 -8.52 0.56
CA MET A 103 10.94 -7.08 0.48
C MET A 103 12.17 -6.33 0.90
N PHE A 104 12.37 -5.17 0.26
CA PHE A 104 13.59 -4.35 0.33
C PHE A 104 13.23 -2.87 0.37
N TRP A 105 14.11 -2.08 0.99
CA TRP A 105 14.07 -0.63 0.92
C TRP A 105 15.37 -0.23 0.22
N CYS A 106 15.25 0.58 -0.83
CA CYS A 106 16.36 0.87 -1.72
C CYS A 106 16.52 2.38 -1.75
N GLU A 107 17.77 2.83 -1.55
CA GLU A 107 18.16 4.21 -1.69
C GLU A 107 19.11 4.35 -2.89
N PRO A 108 18.93 5.41 -3.70
CA PRO A 108 17.90 6.47 -3.62
C PRO A 108 16.47 6.01 -3.98
N ASN A 109 16.36 4.90 -4.72
CA ASN A 109 15.08 4.33 -5.10
C ASN A 109 15.30 2.90 -5.58
N ALA A 110 14.21 2.19 -5.87
CA ALA A 110 14.22 0.75 -6.22
C ALA A 110 14.40 0.46 -7.74
N ALA A 111 14.56 1.52 -8.54
CA ALA A 111 14.62 1.33 -9.99
C ALA A 111 15.72 0.37 -10.50
N SER A 112 16.98 0.61 -10.12
CA SER A 112 18.09 -0.20 -10.64
C SER A 112 18.02 -1.68 -10.21
N LEU A 113 17.63 -1.92 -8.96
CA LEU A 113 17.53 -3.30 -8.45
C LEU A 113 16.35 -4.05 -9.09
N SER A 114 15.19 -3.40 -9.17
CA SER A 114 14.00 -4.01 -9.81
C SER A 114 14.25 -4.38 -11.26
N GLU A 115 14.91 -3.48 -11.94
CA GLU A 115 15.30 -3.70 -13.33
C GLU A 115 16.36 -4.83 -13.53
N ALA A 116 17.35 -4.91 -12.63
CA ALA A 116 18.31 -6.04 -12.62
C ALA A 116 17.56 -7.33 -12.45
N VAL A 117 16.65 -7.40 -11.48
CA VAL A 117 15.93 -8.66 -11.25
C VAL A 117 15.03 -9.00 -12.44
N GLN A 118 14.38 -8.00 -13.05
CA GLN A 118 13.58 -8.29 -14.29
C GLN A 118 14.49 -8.86 -15.38
N ALA A 119 15.68 -8.28 -15.52
CA ALA A 119 16.66 -8.73 -16.52
C ALA A 119 17.09 -10.21 -16.29
N ALA A 120 17.28 -10.61 -15.02
CA ALA A 120 17.57 -12.01 -14.69
C ALA A 120 16.46 -12.88 -15.22
N CYS A 121 15.22 -12.50 -14.91
CA CYS A 121 14.05 -13.24 -15.40
C CYS A 121 14.03 -13.34 -16.93
N MET A 122 14.36 -12.25 -17.63
CA MET A 122 14.38 -12.30 -19.12
C MET A 122 15.40 -13.29 -19.71
N LEU A 123 16.61 -13.24 -19.19
CA LEU A 123 17.69 -14.15 -19.63
C LEU A 123 17.41 -15.58 -19.19
N ARG A 124 16.88 -15.75 -17.99
CA ARG A 124 16.51 -17.09 -17.55
C ARG A 124 15.41 -17.71 -18.42
N TYR A 125 14.43 -16.90 -18.80
CA TYR A 125 13.39 -17.36 -19.70
C TYR A 125 13.94 -17.82 -21.09
N GLN A 126 14.79 -17.01 -21.70
CA GLN A 126 15.47 -17.42 -22.91
C GLN A 126 16.17 -18.79 -22.75
N LYS A 127 16.92 -18.99 -21.66
CA LYS A 127 17.48 -20.32 -21.32
C LYS A 127 16.47 -21.46 -21.38
N CYS A 128 15.29 -21.26 -20.79
CA CYS A 128 14.21 -22.24 -20.87
C CYS A 128 13.80 -22.58 -22.29
N LEU A 129 13.73 -21.56 -23.14
CA LEU A 129 13.45 -21.76 -24.56
C LEU A 129 14.61 -22.43 -25.30
N ASP A 130 15.85 -22.02 -25.02
CA ASP A 130 17.03 -22.66 -25.62
C ASP A 130 17.16 -24.15 -25.24
N ALA A 131 16.68 -24.49 -24.05
CA ALA A 131 16.76 -25.85 -23.49
C ALA A 131 15.88 -26.82 -24.24
N ARG A 132 14.80 -26.31 -24.82
CA ARG A 132 13.80 -27.13 -25.49
C ARG A 132 13.67 -26.83 -27.01
N SER A 133 14.57 -25.99 -27.54
CA SER A 133 14.58 -25.65 -28.98
C SER A 133 14.92 -26.85 -29.88
N VAL B 7 8.98 13.20 -19.81
CA VAL B 7 9.13 11.87 -19.11
C VAL B 7 10.54 11.25 -19.31
N ALA B 8 11.38 11.43 -18.30
CA ALA B 8 12.73 10.84 -18.25
C ALA B 8 12.68 9.32 -18.47
N PRO B 9 13.79 8.70 -18.97
CA PRO B 9 13.81 7.24 -19.23
C PRO B 9 13.57 6.39 -17.97
N GLU B 10 14.18 6.81 -16.86
CA GLU B 10 13.88 6.26 -15.56
C GLU B 10 12.36 6.20 -15.33
N GLU B 11 11.72 7.37 -15.23
CA GLU B 11 10.30 7.46 -14.81
CA GLU B 11 10.28 7.54 -14.87
C GLU B 11 9.31 6.58 -15.58
N ARG B 12 9.49 6.42 -16.90
CA ARG B 12 8.61 5.54 -17.67
C ARG B 12 8.63 4.04 -17.25
N HIS B 13 9.82 3.41 -17.29
CA HIS B 13 9.97 2.03 -16.83
CA HIS B 13 9.99 2.03 -16.84
C HIS B 13 9.56 1.94 -15.36
N LEU B 14 9.95 2.96 -14.57
CA LEU B 14 9.63 3.02 -13.13
C LEU B 14 8.12 3.03 -12.83
N SER B 15 7.35 3.83 -13.57
CA SER B 15 5.89 3.90 -13.36
C SER B 15 5.22 2.58 -13.69
N LYS B 16 5.66 1.97 -14.77
CA LYS B 16 5.17 0.66 -15.15
C LYS B 16 5.45 -0.39 -14.07
N MET B 17 6.63 -0.33 -13.46
CA MET B 17 7.07 -1.28 -12.42
C MET B 17 6.17 -1.18 -11.21
N GLN B 18 5.77 0.05 -10.91
CA GLN B 18 4.79 0.35 -9.86
C GLN B 18 3.35 0.03 -10.16
N GLN B 19 2.91 0.40 -11.37
CA GLN B 19 1.50 0.25 -11.78
C GLN B 19 1.17 -1.20 -12.12
N ASN B 20 2.06 -1.83 -12.86
CA ASN B 20 1.83 -3.22 -13.37
C ASN B 20 2.73 -4.31 -12.74
N GLY B 21 3.91 -3.92 -12.27
CA GLY B 21 4.92 -4.93 -11.91
C GLY B 21 5.30 -5.74 -13.14
N TYR B 22 5.76 -6.98 -12.91
CA TYR B 22 6.29 -7.82 -13.98
C TYR B 22 6.11 -9.28 -13.56
N GLU B 23 5.38 -10.03 -14.39
CA GLU B 23 5.17 -11.48 -14.23
C GLU B 23 6.29 -12.21 -14.93
N ASN B 24 7.00 -13.07 -14.20
CA ASN B 24 8.15 -13.78 -14.75
C ASN B 24 7.68 -14.82 -15.76
N PRO B 25 8.07 -14.67 -17.05
CA PRO B 25 7.60 -15.64 -18.03
C PRO B 25 8.19 -17.04 -17.81
N THR B 26 9.35 -17.14 -17.13
CA THR B 26 9.98 -18.43 -16.81
C THR B 26 8.97 -19.27 -15.98
N TYR B 27 8.47 -18.69 -14.89
CA TYR B 27 7.48 -19.36 -14.03
C TYR B 27 6.18 -19.65 -14.79
N LYS B 28 5.74 -18.71 -15.62
CA LYS B 28 4.51 -18.92 -16.40
C LYS B 28 4.69 -20.04 -17.45
N PHE B 29 5.89 -20.15 -18.02
CA PHE B 29 6.32 -21.20 -18.96
C PHE B 29 6.31 -22.58 -18.29
N PHE B 30 7.13 -22.70 -17.25
CA PHE B 30 7.29 -23.94 -16.50
C PHE B 30 6.05 -24.34 -15.73
N GLU B 31 5.05 -23.47 -15.74
CA GLU B 31 3.76 -23.71 -15.09
C GLU B 31 2.80 -24.45 -16.04
N GLN B 32 2.71 -23.95 -17.28
CA GLN B 32 1.81 -24.50 -18.32
C GLN B 32 1.98 -26.02 -18.53
N MET B 33 3.24 -26.46 -18.61
CA MET B 33 3.59 -27.88 -18.65
C MET B 33 3.20 -28.62 -17.36
N ASN C 4 -25.43 15.44 18.11
CA ASN C 4 -24.07 15.76 17.59
C ASN C 4 -23.51 14.56 16.77
N GLU C 5 -22.64 13.76 17.37
CA GLU C 5 -22.06 12.61 16.66
C GLU C 5 -23.11 11.59 16.22
N LEU C 6 -22.80 10.83 15.17
CA LEU C 6 -23.72 9.81 14.66
C LEU C 6 -23.57 8.48 15.40
N VAL C 7 -22.36 8.20 15.88
CA VAL C 7 -22.03 6.97 16.62
C VAL C 7 -20.91 7.27 17.64
N GLN C 8 -20.71 6.37 18.61
CA GLN C 8 -19.61 6.47 19.59
C GLN C 8 -18.25 6.53 18.88
N LYS C 9 -17.35 7.34 19.43
CA LYS C 9 -16.03 7.55 18.86
C LYS C 9 -15.25 6.23 18.67
N PHE C 10 -14.38 6.25 17.67
CA PHE C 10 -13.57 5.09 17.30
C PHE C 10 -12.18 5.26 17.92
N GLN C 11 -11.74 4.23 18.67
CA GLN C 11 -10.42 4.23 19.30
C GLN C 11 -9.38 3.63 18.34
N VAL C 12 -8.48 4.48 17.84
CA VAL C 12 -7.56 4.02 16.81
C VAL C 12 -6.26 4.73 17.04
N TYR C 13 -5.30 4.48 16.15
CA TYR C 13 -4.10 5.27 16.11
C TYR C 13 -4.13 6.22 14.91
N TYR C 14 -3.86 7.50 15.18
CA TYR C 14 -3.75 8.48 14.13
C TYR C 14 -2.30 8.44 13.71
N LEU C 15 -2.08 8.13 12.44
CA LEU C 15 -0.74 8.06 11.90
C LEU C 15 -0.29 9.43 11.40
N GLY C 16 -1.23 10.37 11.27
CA GLY C 16 -0.85 11.71 10.82
C GLY C 16 -1.40 11.99 9.43
N ASN C 17 -0.99 13.11 8.89
CA ASN C 17 -1.46 13.54 7.60
C ASN C 17 -0.32 14.01 6.72
N VAL C 18 -0.46 13.84 5.40
CA VAL C 18 0.59 14.28 4.43
C VAL C 18 -0.07 14.87 3.21
N PRO C 19 0.62 15.80 2.53
CA PRO C 19 0.12 16.27 1.25
C PRO C 19 0.14 15.15 0.22
N VAL C 20 -0.87 15.14 -0.65
CA VAL C 20 -0.90 14.22 -1.80
C VAL C 20 -1.25 15.00 -3.05
N ALA C 21 -0.96 14.40 -4.21
CA ALA C 21 -1.08 15.07 -5.51
C ALA C 21 -2.46 15.09 -6.15
N LYS C 22 -3.33 14.13 -5.78
CA LYS C 22 -4.58 13.94 -6.48
C LYS C 22 -5.67 13.79 -5.42
N PRO C 23 -6.92 14.15 -5.76
CA PRO C 23 -8.08 13.97 -4.86
C PRO C 23 -8.54 12.51 -4.67
N VAL C 24 -8.15 11.61 -5.58
CA VAL C 24 -8.68 10.21 -5.52
C VAL C 24 -7.60 9.15 -5.85
N GLY C 25 -7.85 7.91 -5.44
CA GLY C 25 -7.11 6.76 -5.99
C GLY C 25 -6.54 5.90 -4.89
N VAL C 26 -6.76 4.58 -4.98
CA VAL C 26 -6.14 3.66 -4.01
C VAL C 26 -4.60 3.67 -4.12
N ASP C 27 -4.05 3.96 -5.30
CA ASP C 27 -2.59 4.07 -5.41
C ASP C 27 -2.05 5.22 -4.54
N VAL C 28 -2.78 6.35 -4.57
CA VAL C 28 -2.39 7.55 -3.82
C VAL C 28 -2.38 7.25 -2.33
N ILE C 29 -3.46 6.69 -1.80
CA ILE C 29 -3.47 6.40 -0.40
C ILE C 29 -2.48 5.31 0.05
N ASN C 30 -2.30 4.27 -0.74
CA ASN C 30 -1.29 3.24 -0.37
C ASN C 30 0.14 3.78 -0.44
N GLY C 31 0.41 4.75 -1.32
CA GLY C 31 1.75 5.39 -1.39
C GLY C 31 1.95 6.23 -0.13
N ALA C 32 0.90 6.98 0.29
CA ALA C 32 0.93 7.76 1.55
C ALA C 32 1.13 6.87 2.80
N LEU C 33 0.36 5.77 2.89
CA LEU C 33 0.50 4.79 4.01
C LEU C 33 1.90 4.24 4.10
N GLU C 34 2.44 3.77 3.00
CA GLU C 34 3.80 3.18 2.99
C GLU C 34 4.83 4.19 3.46
N SER C 35 4.77 5.42 2.96
CA SER C 35 5.69 6.47 3.38
C SER C 35 5.64 6.73 4.88
N VAL C 36 4.46 7.05 5.42
CA VAL C 36 4.31 7.24 6.87
C VAL C 36 4.74 6.01 7.69
N LEU C 37 4.35 4.81 7.28
CA LEU C 37 4.72 3.60 8.06
C LEU C 37 6.22 3.35 8.06
N SER C 38 6.90 3.74 6.97
CA SER C 38 8.34 3.57 6.89
C SER C 38 9.14 4.56 7.74
N SER C 39 8.52 5.66 8.15
CA SER C 39 9.21 6.75 8.85
C SER C 39 8.72 6.94 10.27
N SER C 40 7.98 5.96 10.79
CA SER C 40 7.41 6.03 12.12
C SER C 40 7.49 4.64 12.77
N SER C 41 7.48 4.60 14.10
CA SER C 41 7.42 3.34 14.84
C SER C 41 6.12 3.29 15.64
N ARG C 42 5.63 2.10 15.93
CA ARG C 42 4.34 1.93 16.60
C ARG C 42 4.18 2.71 17.92
N GLU C 43 5.28 3.05 18.56
CA GLU C 43 5.21 3.83 19.81
C GLU C 43 5.08 5.33 19.55
N GLN C 44 5.40 5.76 18.33
CA GLN C 44 5.18 7.14 17.92
C GLN C 44 3.71 7.40 17.61
N TRP C 45 2.94 6.33 17.37
CA TRP C 45 1.55 6.48 16.94
C TRP C 45 0.67 7.09 18.03
N THR C 46 -0.30 7.91 17.60
CA THR C 46 -1.12 8.69 18.52
C THR C 46 -2.44 8.01 18.80
N PRO C 47 -2.59 7.47 20.03
CA PRO C 47 -3.87 6.87 20.37
C PRO C 47 -4.93 7.97 20.33
N SER C 48 -6.06 7.69 19.74
CA SER C 48 -7.01 8.75 19.48
C SER C 48 -8.33 8.08 19.18
N HIS C 49 -9.35 8.91 18.95
CA HIS C 49 -10.65 8.42 18.46
C HIS C 49 -11.25 9.39 17.41
N VAL C 50 -12.06 8.83 16.51
CA VAL C 50 -12.69 9.62 15.46
C VAL C 50 -14.16 9.72 15.77
N SER C 51 -14.64 10.95 15.86
CA SER C 51 -16.05 11.17 16.01
C SER C 51 -16.68 11.49 14.67
N VAL C 52 -17.66 10.69 14.29
CA VAL C 52 -18.31 10.79 13.02
C VAL C 52 -19.66 11.48 13.28
N ALA C 53 -19.77 12.71 12.78
CA ALA C 53 -21.00 13.50 12.90
C ALA C 53 -21.52 13.74 11.49
N PRO C 54 -22.77 14.24 11.37
CA PRO C 54 -23.37 14.53 10.04
C PRO C 54 -22.52 15.37 9.03
N ALA C 55 -21.87 16.42 9.52
CA ALA C 55 -21.20 17.38 8.62
C ALA C 55 -19.68 17.30 8.73
N THR C 56 -19.18 16.69 9.81
CA THR C 56 -17.74 16.69 10.11
C THR C 56 -17.23 15.38 10.69
N LEU C 57 -15.95 15.12 10.45
CA LEU C 57 -15.18 14.13 11.19
C LEU C 57 -14.22 14.90 12.08
N THR C 58 -14.19 14.52 13.35
CA THR C 58 -13.29 15.10 14.28
C THR C 58 -12.42 13.96 14.83
N ILE C 59 -11.13 14.23 14.81
CA ILE C 59 -10.10 13.34 15.31
C ILE C 59 -9.64 13.84 16.67
N LEU C 60 -9.82 13.02 17.70
CA LEU C 60 -9.53 13.41 19.11
C LEU C 60 -8.50 12.51 19.85
N HIS C 61 -7.61 13.10 20.64
CA HIS C 61 -6.64 12.35 21.50
C HIS C 61 -7.32 11.40 22.52
N GLN C 62 -6.64 10.31 22.91
CA GLN C 62 -7.36 9.09 23.36
C GLN C 62 -8.24 9.13 24.61
N GLN C 63 -7.76 9.79 25.64
CA GLN C 63 -8.47 9.84 26.92
C GLN C 63 -8.87 11.28 27.16
N THR C 64 -7.89 12.19 26.93
CA THR C 64 -8.07 13.64 27.00
C THR C 64 -9.17 14.20 26.06
N GLU C 65 -9.39 13.53 24.93
CA GLU C 65 -10.36 13.95 23.90
C GLU C 65 -10.12 15.34 23.28
N ALA C 66 -8.88 15.83 23.40
CA ALA C 66 -8.39 16.97 22.62
C ALA C 66 -8.58 16.75 21.09
N VAL C 67 -8.89 17.84 20.37
CA VAL C 67 -9.06 17.80 18.91
C VAL C 67 -7.73 17.78 18.17
N LEU C 68 -7.43 16.71 17.43
CA LEU C 68 -6.21 16.63 16.59
C LEU C 68 -6.45 16.98 15.09
N GLY C 69 -7.72 16.97 14.67
CA GLY C 69 -8.10 17.43 13.34
C GLY C 69 -9.60 17.44 13.26
N GLU C 70 -10.12 18.30 12.38
CA GLU C 70 -11.55 18.33 12.04
C GLU C 70 -11.68 18.56 10.51
N CYS C 71 -12.64 17.88 9.90
CA CYS C 71 -12.75 17.75 8.44
C CYS C 71 -14.21 17.75 8.03
N ARG C 72 -14.59 18.67 7.14
CA ARG C 72 -15.95 18.74 6.67
C ARG C 72 -16.16 17.61 5.63
N VAL C 73 -17.26 16.88 5.76
CA VAL C 73 -17.62 15.81 4.81
C VAL C 73 -17.63 16.33 3.37
N ARG C 74 -18.15 17.54 3.12
CA ARG C 74 -18.18 18.06 1.76
C ARG C 74 -16.80 18.26 1.11
N PHE C 75 -15.71 18.36 1.90
CA PHE C 75 -14.38 18.52 1.30
C PHE C 75 -13.56 17.20 1.35
N LEU C 76 -14.21 16.11 1.77
CA LEU C 76 -13.59 14.76 1.75
C LEU C 76 -13.80 14.21 0.35
N SER C 77 -12.75 14.10 -0.46
CA SER C 77 -12.87 13.66 -1.83
C SER C 77 -12.85 12.10 -1.98
N PHE C 78 -12.15 11.40 -1.09
CA PHE C 78 -11.93 9.93 -1.30
C PHE C 78 -11.59 9.26 0.00
N LEU C 79 -11.99 7.99 0.13
CA LEU C 79 -11.54 7.20 1.26
C LEU C 79 -11.28 5.77 0.82
N ALA C 80 -10.53 5.03 1.67
CA ALA C 80 -10.23 3.61 1.32
C ALA C 80 -9.61 2.90 2.48
N VAL C 81 -9.64 1.57 2.41
CA VAL C 81 -8.90 0.80 3.36
C VAL C 81 -7.67 0.40 2.54
N GLY C 82 -6.52 0.38 3.19
CA GLY C 82 -5.26 0.12 2.48
C GLY C 82 -5.11 -1.38 2.23
N ARG C 83 -4.04 -1.78 1.53
CA ARG C 83 -3.82 -3.19 1.24
C ARG C 83 -3.66 -3.98 2.54
N ASP C 84 -3.08 -3.37 3.55
CA ASP C 84 -3.17 -3.91 4.89
C ASP C 84 -4.52 -3.47 5.57
N VAL C 85 -5.29 -4.47 6.01
CA VAL C 85 -6.68 -4.25 6.48
C VAL C 85 -6.80 -3.42 7.73
N HIS C 86 -5.69 -3.23 8.42
CA HIS C 86 -5.72 -2.36 9.58
C HIS C 86 -5.77 -0.86 9.20
N THR C 87 -5.34 -0.56 8.00
CA THR C 87 -5.10 0.84 7.63
C THR C 87 -6.35 1.50 7.05
N PHE C 88 -6.60 2.75 7.43
CA PHE C 88 -7.63 3.53 6.76
C PHE C 88 -7.05 4.92 6.37
N ALA C 89 -7.42 5.45 5.22
CA ALA C 89 -7.05 6.86 4.83
C ALA C 89 -8.21 7.56 4.17
N PHE C 90 -8.27 8.86 4.33
CA PHE C 90 -9.17 9.64 3.48
C PHE C 90 -8.40 10.83 2.97
N ILE C 91 -8.78 11.32 1.80
CA ILE C 91 -8.14 12.48 1.22
C ILE C 91 -9.11 13.65 1.34
N MET C 92 -8.58 14.76 1.82
CA MET C 92 -9.35 16.04 1.88
C MET C 92 -8.85 17.07 0.88
N ALA C 93 -9.75 17.84 0.27
CA ALA C 93 -9.28 19.03 -0.41
C ALA C 93 -9.11 20.10 0.69
N ALA C 94 -7.87 20.37 1.07
CA ALA C 94 -7.53 21.42 2.10
C ALA C 94 -7.82 22.83 1.57
N GLY C 95 -7.71 22.98 0.25
CA GLY C 95 -8.13 24.15 -0.48
C GLY C 95 -8.45 23.72 -1.91
N PRO C 96 -8.80 24.69 -2.77
CA PRO C 96 -9.21 24.44 -4.15
C PRO C 96 -8.27 23.55 -4.95
N ALA C 97 -6.96 23.73 -4.84
CA ALA C 97 -6.05 22.81 -5.62
C ALA C 97 -5.03 22.09 -4.73
N SER C 98 -5.46 21.69 -3.53
CA SER C 98 -4.53 21.32 -2.49
C SER C 98 -5.07 20.13 -1.69
N PHE C 99 -4.37 19.01 -1.72
CA PHE C 99 -4.91 17.75 -1.12
C PHE C 99 -4.10 17.24 0.01
N CYS C 100 -4.80 16.74 1.03
CA CYS C 100 -4.17 16.28 2.25
C CYS C 100 -4.69 14.87 2.57
N CYS C 101 -3.81 13.95 2.90
CA CYS C 101 -4.27 12.58 3.23
C CYS C 101 -4.14 12.26 4.75
N HIS C 102 -5.26 11.93 5.40
CA HIS C 102 -5.25 11.57 6.84
C HIS C 102 -5.27 10.05 7.00
N MET C 103 -4.44 9.50 7.88
CA MET C 103 -4.17 8.05 7.93
C MET C 103 -4.27 7.49 9.34
N PHE C 104 -4.75 6.24 9.45
CA PHE C 104 -5.10 5.62 10.74
C PHE C 104 -4.73 4.13 10.74
N TRP C 105 -4.39 3.61 11.92
CA TRP C 105 -4.22 2.16 12.16
C TRP C 105 -5.34 1.71 13.11
N CYS C 106 -6.06 0.69 12.68
CA CYS C 106 -7.28 0.27 13.34
C CYS C 106 -7.18 -1.19 13.78
N GLU C 107 -7.59 -1.48 15.01
CA GLU C 107 -7.62 -2.89 15.50
C GLU C 107 -9.07 -3.25 15.82
N PRO C 108 -9.55 -4.46 15.40
CA PRO C 108 -8.85 -5.57 14.73
C PRO C 108 -8.60 -5.28 13.26
N ASN C 109 -9.42 -4.40 12.68
CA ASN C 109 -9.20 -3.90 11.33
C ASN C 109 -9.93 -2.53 11.16
N ALA C 110 -9.86 -2.00 9.94
CA ALA C 110 -10.47 -0.70 9.58
C ALA C 110 -11.96 -0.80 9.17
N ALA C 111 -12.59 -1.99 9.30
CA ALA C 111 -13.93 -2.14 8.72
C ALA C 111 -14.93 -1.18 9.34
N SER C 112 -15.03 -1.14 10.66
CA SER C 112 -16.07 -0.31 11.27
C SER C 112 -15.84 1.20 11.04
N LEU C 113 -14.58 1.64 11.03
CA LEU C 113 -14.34 3.06 10.84
C LEU C 113 -14.69 3.46 9.41
N SER C 114 -14.22 2.69 8.42
CA SER C 114 -14.47 3.02 7.03
C SER C 114 -15.96 3.02 6.70
N GLU C 115 -16.68 2.07 7.28
CA GLU C 115 -18.15 2.01 7.10
C GLU C 115 -18.87 3.27 7.59
N ALA C 116 -18.47 3.74 8.77
CA ALA C 116 -19.05 4.93 9.42
C ALA C 116 -18.75 6.19 8.62
N VAL C 117 -17.51 6.32 8.13
CA VAL C 117 -17.15 7.44 7.25
C VAL C 117 -17.84 7.38 5.87
N GLN C 118 -17.84 6.22 5.24
CA GLN C 118 -18.63 6.10 4.02
C GLN C 118 -20.14 6.40 4.21
N ALA C 119 -20.74 5.90 5.30
CA ALA C 119 -22.18 6.15 5.58
C ALA C 119 -22.42 7.66 5.76
N ALA C 120 -21.53 8.36 6.47
CA ALA C 120 -21.63 9.81 6.61
C ALA C 120 -21.65 10.53 5.26
N CYS C 121 -20.75 10.16 4.34
CA CYS C 121 -20.72 10.72 2.96
C CYS C 121 -22.01 10.53 2.14
N MET C 122 -22.57 9.32 2.22
CA MET C 122 -23.81 8.96 1.52
C MET C 122 -25.04 9.68 2.09
N LEU C 123 -25.16 9.76 3.40
CA LEU C 123 -26.27 10.51 4.05
C LEU C 123 -26.18 12.01 3.69
N ARG C 124 -24.95 12.52 3.78
CA ARG C 124 -24.66 13.92 3.48
C ARG C 124 -25.00 14.35 2.03
N TYR C 125 -24.66 13.52 1.07
CA TYR C 125 -24.99 13.76 -0.32
C TYR C 125 -26.51 13.85 -0.55
N GLN C 126 -27.26 12.89 0.00
CA GLN C 126 -28.73 12.94 -0.06
C GLN C 126 -29.29 14.23 0.62
N LYS C 127 -28.83 14.52 1.83
CA LYS C 127 -29.24 15.76 2.52
C LYS C 127 -28.99 17.02 1.67
N CYS C 128 -27.85 17.07 0.99
CA CYS C 128 -27.54 18.16 0.04
C CYS C 128 -28.41 18.25 -1.24
N LEU C 129 -28.69 17.11 -1.89
CA LEU C 129 -29.61 17.11 -3.03
C LEU C 129 -31.01 17.59 -2.62
N ASP C 130 -31.46 17.15 -1.43
CA ASP C 130 -32.80 17.49 -0.92
C ASP C 130 -32.94 18.94 -0.55
N ALA C 131 -31.95 19.45 0.17
CA ALA C 131 -31.84 20.87 0.53
C ALA C 131 -31.98 21.76 -0.72
N ARG C 132 -31.32 21.36 -1.80
CA ARG C 132 -31.43 22.07 -3.05
C ARG C 132 -32.78 21.83 -3.77
N SER C 133 -33.24 20.58 -3.83
CA SER C 133 -34.44 20.22 -4.60
C SER C 133 -35.69 21.06 -4.29
N VAL D 7 -18.94 -15.96 1.81
CA VAL D 7 -18.23 -14.72 2.27
C VAL D 7 -19.13 -13.71 3.07
N ALA D 8 -18.72 -13.43 4.30
CA ALA D 8 -19.42 -12.53 5.24
C ALA D 8 -19.59 -11.07 4.72
N PRO D 9 -20.58 -10.32 5.27
CA PRO D 9 -20.85 -8.94 4.81
C PRO D 9 -19.69 -7.97 5.10
N GLU D 10 -19.22 -7.93 6.36
CA GLU D 10 -17.98 -7.18 6.71
C GLU D 10 -16.88 -7.44 5.66
N GLU D 11 -16.64 -8.72 5.34
N GLU D 11 -16.62 -8.71 5.35
CA GLU D 11 -15.60 -9.18 4.42
CA GLU D 11 -15.54 -9.10 4.41
C GLU D 11 -15.74 -8.68 2.97
C GLU D 11 -15.74 -8.61 2.96
N ARG D 12 -16.93 -8.82 2.40
CA ARG D 12 -17.18 -8.37 1.02
C ARG D 12 -17.02 -6.83 0.86
N HIS D 13 -17.63 -6.08 1.77
N HIS D 13 -17.64 -6.10 1.78
CA HIS D 13 -17.50 -4.61 1.78
CA HIS D 13 -17.53 -4.63 1.86
C HIS D 13 -16.04 -4.17 1.99
C HIS D 13 -16.07 -4.18 2.00
N LEU D 14 -15.33 -4.85 2.89
CA LEU D 14 -13.91 -4.62 3.12
C LEU D 14 -13.04 -4.73 1.86
N SER D 15 -13.23 -5.81 1.08
CA SER D 15 -12.49 -6.00 -0.20
C SER D 15 -12.84 -4.93 -1.20
N LYS D 16 -14.11 -4.55 -1.25
CA LYS D 16 -14.53 -3.44 -2.05
C LYS D 16 -13.78 -2.14 -1.62
N MET D 17 -13.68 -1.91 -0.32
CA MET D 17 -13.04 -0.69 0.25
C MET D 17 -11.54 -0.65 -0.10
N GLN D 18 -10.88 -1.83 -0.09
CA GLN D 18 -9.45 -2.01 -0.51
C GLN D 18 -9.19 -1.86 -2.00
N GLN D 19 -10.05 -2.45 -2.83
CA GLN D 19 -9.83 -2.52 -4.27
C GLN D 19 -10.12 -1.21 -5.00
N ASN D 20 -11.24 -0.58 -4.63
CA ASN D 20 -11.72 0.63 -5.35
C ASN D 20 -11.76 1.90 -4.49
N GLY D 21 -11.76 1.70 -3.17
CA GLY D 21 -12.08 2.77 -2.23
C GLY D 21 -13.44 3.36 -2.53
N TYR D 22 -13.62 4.62 -2.10
CA TYR D 22 -14.90 5.27 -2.29
C TYR D 22 -14.71 6.79 -2.57
N GLU D 23 -15.23 7.24 -3.71
CA GLU D 23 -15.27 8.66 -4.05
C GLU D 23 -16.53 9.31 -3.52
N ASN D 24 -16.32 10.29 -2.64
CA ASN D 24 -17.43 11.02 -2.03
C ASN D 24 -18.28 11.80 -3.04
N PRO D 25 -19.57 11.40 -3.24
CA PRO D 25 -20.36 12.20 -4.18
C PRO D 25 -20.69 13.61 -3.60
N THR D 26 -20.69 13.79 -2.29
CA THR D 26 -20.93 15.13 -1.71
C THR D 26 -19.87 16.11 -2.24
N TYR D 27 -18.61 15.67 -2.32
CA TYR D 27 -17.50 16.48 -2.91
C TYR D 27 -17.70 16.87 -4.37
N LYS D 28 -17.97 15.88 -5.22
CA LYS D 28 -18.34 16.13 -6.61
C LYS D 28 -19.56 17.07 -6.78
N PHE D 29 -20.61 16.84 -5.99
CA PHE D 29 -21.84 17.69 -6.00
C PHE D 29 -21.51 19.20 -5.85
N PHE D 30 -20.74 19.55 -4.82
CA PHE D 30 -20.31 20.93 -4.63
C PHE D 30 -19.22 21.33 -5.62
N GLU D 31 -18.48 20.36 -6.13
CA GLU D 31 -17.42 20.62 -7.11
C GLU D 31 -18.01 21.04 -8.45
N GLN D 32 -19.07 20.34 -8.86
CA GLN D 32 -19.80 20.62 -10.11
C GLN D 32 -20.62 21.93 -10.09
N MET D 33 -20.43 22.76 -9.05
CA MET D 33 -21.16 24.02 -8.90
C MET D 33 -20.23 25.23 -8.77
#